data_1O9D
#
_entry.id   1O9D
#
_cell.length_a   110.126
_cell.length_b   110.126
_cell.length_c   136.464
_cell.angle_alpha   90.00
_cell.angle_beta   90.00
_cell.angle_gamma   120.00
#
_symmetry.space_group_name_H-M   'P 65 2 2'
#
loop_
_entity.id
_entity.type
_entity.pdbx_description
1 polymer '14-3-3-LIKE PROTEIN C'
2 polymer 'PLASMA MEMBRANE H+ ATPASE'
3 water water
#
loop_
_entity_poly.entity_id
_entity_poly.type
_entity_poly.pdbx_seq_one_letter_code
_entity_poly.pdbx_strand_id
1 'polypeptide(L)'
;MAVAPTAREENVYMAKLAEQAERYEEMVEFMEKVSNSLGSEELTVEERNLLSVAYKNVIGARRASWRIISSIEQKEESRG
NEEHVNSIREYRSKIENELSKICDGILKLLDAKLIPSAASGDSKVFYLKMKGDYHRYLAEFKTGAERKEAAESTLTAYKA
AQDIATTELAPTHPIRLGLALNFSVFYYEILNSPDRACNLAKQAFDEAIAELDTLGEESYKDSTLIMQLLRDNLTLWTSD
MQDDGADEIKEDPKPDEAKN
;
A
2 'polypeptide(L)' QSY(TPO)V P
#
# COMPACT_ATOMS: atom_id res chain seq x y z
N PRO A 5 -13.16 -14.04 28.44
CA PRO A 5 -12.46 -14.21 27.13
C PRO A 5 -13.26 -13.48 26.06
N THR A 6 -13.03 -12.17 25.99
CA THR A 6 -13.66 -11.16 25.13
C THR A 6 -13.85 -11.29 23.58
N ALA A 7 -14.76 -10.50 23.03
CA ALA A 7 -15.05 -10.51 21.58
C ALA A 7 -13.84 -10.03 20.78
N ARG A 8 -13.24 -8.90 21.19
CA ARG A 8 -12.03 -8.36 20.58
C ARG A 8 -11.00 -9.45 20.57
N GLU A 9 -10.79 -10.07 21.73
CA GLU A 9 -9.81 -11.09 21.84
C GLU A 9 -10.00 -12.28 20.93
N GLU A 10 -11.24 -12.76 20.85
CA GLU A 10 -11.53 -13.91 20.01
C GLU A 10 -11.46 -13.57 18.51
N ASN A 11 -11.84 -12.36 18.12
CA ASN A 11 -11.74 -11.95 16.74
C ASN A 11 -10.24 -11.90 16.27
N VAL A 12 -9.35 -11.51 17.19
CA VAL A 12 -7.94 -11.42 16.86
C VAL A 12 -7.44 -12.83 16.70
N TYR A 13 -7.83 -13.73 17.58
CA TYR A 13 -7.36 -15.10 17.47
C TYR A 13 -7.85 -15.73 16.12
N MET A 14 -9.12 -15.51 15.75
CA MET A 14 -9.71 -16.00 14.47
C MET A 14 -8.96 -15.43 13.24
N ALA A 15 -8.63 -14.14 13.31
CA ALA A 15 -7.87 -13.45 12.26
C ALA A 15 -6.53 -14.18 12.08
N LYS A 16 -5.96 -14.64 13.18
CA LYS A 16 -4.68 -15.32 13.06
C LYS A 16 -4.79 -16.75 12.55
N LEU A 17 -5.96 -17.37 12.75
CA LEU A 17 -6.19 -18.75 12.24
C LEU A 17 -6.44 -18.52 10.74
N ALA A 18 -7.21 -17.49 10.40
CA ALA A 18 -7.45 -17.17 8.99
C ALA A 18 -6.11 -16.93 8.25
N GLU A 19 -5.18 -16.17 8.88
CA GLU A 19 -3.86 -15.92 8.26
C GLU A 19 -3.14 -17.28 8.03
N GLN A 20 -3.14 -18.19 9.01
CA GLN A 20 -2.47 -19.48 8.81
C GLN A 20 -3.15 -20.32 7.68
N ALA A 21 -4.47 -20.25 7.62
CA ALA A 21 -5.26 -20.99 6.61
C ALA A 21 -5.23 -20.28 5.25
N GLU A 22 -4.69 -19.05 5.21
CA GLU A 22 -4.61 -18.23 4.00
C GLU A 22 -5.98 -17.88 3.40
N ARG A 23 -6.91 -17.57 4.30
CA ARG A 23 -8.24 -17.18 3.92
C ARG A 23 -8.23 -15.69 4.28
N TYR A 24 -7.59 -14.91 3.41
CA TYR A 24 -7.41 -13.48 3.72
C TYR A 24 -8.62 -12.62 3.76
N GLU A 25 -9.65 -12.99 3.00
CA GLU A 25 -10.91 -12.21 3.00
C GLU A 25 -11.56 -12.30 4.40
N GLU A 26 -11.46 -13.49 4.99
CA GLU A 26 -12.02 -13.69 6.32
C GLU A 26 -11.16 -12.97 7.32
N MET A 27 -9.85 -12.96 7.08
CA MET A 27 -8.91 -12.28 7.97
C MET A 27 -9.31 -10.79 7.98
N VAL A 28 -9.61 -10.26 6.80
CA VAL A 28 -9.98 -8.86 6.74
C VAL A 28 -11.23 -8.64 7.60
N GLU A 29 -12.26 -9.47 7.40
CA GLU A 29 -13.51 -9.35 8.15
C GLU A 29 -13.34 -9.38 9.67
N PHE A 30 -12.55 -10.35 10.15
CA PHE A 30 -12.32 -10.44 11.59
C PHE A 30 -11.62 -9.19 12.13
N MET A 31 -10.66 -8.66 11.37
CA MET A 31 -9.97 -7.47 11.82
C MET A 31 -10.84 -6.22 11.73
N GLU A 32 -11.84 -6.18 10.83
CA GLU A 32 -12.74 -5.00 10.79
C GLU A 32 -13.68 -5.06 11.98
N LYS A 33 -14.06 -6.25 12.37
CA LYS A 33 -14.89 -6.35 13.55
C LYS A 33 -14.05 -5.66 14.66
N VAL A 34 -12.81 -6.11 14.84
CA VAL A 34 -11.93 -5.55 15.89
C VAL A 34 -11.84 -4.04 15.86
N SER A 35 -11.55 -3.56 14.69
CA SER A 35 -11.39 -2.17 14.42
C SER A 35 -12.68 -1.30 14.59
N ASN A 36 -13.83 -1.84 14.21
CA ASN A 36 -15.06 -1.09 14.38
C ASN A 36 -15.54 -1.20 15.85
N SER A 37 -14.99 -2.10 16.65
CA SER A 37 -15.40 -2.23 18.04
C SER A 37 -14.55 -1.41 19.03
N LEU A 38 -13.83 -0.41 18.55
CA LEU A 38 -12.98 0.34 19.44
C LEU A 38 -13.55 1.72 19.72
N GLY A 39 -13.38 2.14 20.97
CA GLY A 39 -13.90 3.43 21.38
C GLY A 39 -12.96 4.56 21.09
N SER A 40 -12.25 5.00 22.12
CA SER A 40 -11.32 6.10 21.97
C SER A 40 -9.89 5.53 21.84
N GLU A 41 -9.73 4.25 22.08
CA GLU A 41 -8.40 3.66 22.00
C GLU A 41 -8.06 3.19 20.59
N GLU A 42 -6.77 3.08 20.29
CA GLU A 42 -6.42 2.60 18.97
C GLU A 42 -6.06 1.15 18.94
N LEU A 43 -5.80 0.64 17.75
CA LEU A 43 -5.43 -0.77 17.56
C LEU A 43 -4.01 -0.95 18.12
N THR A 44 -3.69 -2.12 18.66
CA THR A 44 -2.32 -2.40 19.11
C THR A 44 -1.43 -2.50 17.85
N VAL A 45 -0.10 -2.49 18.01
CA VAL A 45 0.80 -2.64 16.88
C VAL A 45 0.47 -4.00 16.23
N GLU A 46 0.26 -5.04 17.03
CA GLU A 46 -0.09 -6.34 16.48
C GLU A 46 -1.39 -6.30 15.61
N GLU A 47 -2.46 -5.73 16.16
CA GLU A 47 -3.75 -5.65 15.45
C GLU A 47 -3.66 -4.86 14.16
N ARG A 48 -2.98 -3.72 14.22
CA ARG A 48 -2.82 -2.89 13.05
C ARG A 48 -2.05 -3.66 11.96
N ASN A 49 -1.04 -4.41 12.36
CA ASN A 49 -0.27 -5.12 11.36
C ASN A 49 -1.05 -6.29 10.77
N LEU A 50 -1.88 -6.89 11.58
CA LEU A 50 -2.78 -7.96 11.12
C LEU A 50 -3.81 -7.39 10.07
N LEU A 51 -4.37 -6.21 10.31
CA LEU A 51 -5.33 -5.64 9.39
C LEU A 51 -4.70 -5.32 8.07
N SER A 52 -3.48 -4.83 8.18
CA SER A 52 -2.73 -4.40 7.05
C SER A 52 -2.29 -5.60 6.18
N VAL A 53 -1.81 -6.68 6.80
CA VAL A 53 -1.38 -7.90 6.10
C VAL A 53 -2.65 -8.53 5.40
N ALA A 54 -3.80 -8.52 6.10
CA ALA A 54 -5.04 -9.03 5.51
C ALA A 54 -5.42 -8.25 4.22
N TYR A 55 -5.46 -6.93 4.27
CA TYR A 55 -5.82 -6.19 3.10
C TYR A 55 -4.80 -6.31 1.98
N LYS A 56 -3.53 -6.34 2.35
CA LYS A 56 -2.44 -6.42 1.39
C LYS A 56 -2.55 -7.74 0.57
N ASN A 57 -2.92 -8.82 1.26
CA ASN A 57 -3.08 -10.10 0.59
C ASN A 57 -4.37 -10.14 -0.19
N VAL A 58 -5.43 -9.52 0.31
CA VAL A 58 -6.62 -9.52 -0.49
C VAL A 58 -6.40 -8.66 -1.75
N ILE A 59 -5.72 -7.53 -1.65
CA ILE A 59 -5.55 -6.72 -2.87
C ILE A 59 -4.45 -7.27 -3.78
N GLY A 60 -3.37 -7.80 -3.20
CA GLY A 60 -2.30 -8.33 -4.03
C GLY A 60 -2.73 -9.47 -4.99
N ALA A 61 -3.61 -10.35 -4.55
CA ALA A 61 -4.06 -11.40 -5.43
C ALA A 61 -4.73 -10.76 -6.64
N ARG A 62 -5.53 -9.70 -6.45
CA ARG A 62 -6.17 -9.11 -7.61
C ARG A 62 -5.22 -8.32 -8.46
N ARG A 63 -4.22 -7.67 -7.85
CA ARG A 63 -3.24 -6.91 -8.63
C ARG A 63 -2.41 -7.87 -9.53
N ALA A 64 -2.06 -9.02 -8.94
CA ALA A 64 -1.30 -10.08 -9.64
C ALA A 64 -2.12 -10.58 -10.85
N SER A 65 -3.41 -10.84 -10.65
CA SER A 65 -4.26 -11.25 -11.77
C SER A 65 -4.38 -10.10 -12.79
N TRP A 66 -4.60 -8.87 -12.32
CA TRP A 66 -4.73 -7.77 -13.24
C TRP A 66 -3.46 -7.66 -14.11
N ARG A 67 -2.27 -7.80 -13.55
CA ARG A 67 -1.09 -7.71 -14.41
C ARG A 67 -1.01 -8.77 -15.48
N ILE A 68 -1.38 -9.98 -15.10
CA ILE A 68 -1.36 -11.13 -16.01
C ILE A 68 -2.36 -10.91 -17.14
N ILE A 69 -3.59 -10.58 -16.78
CA ILE A 69 -4.64 -10.42 -17.78
C ILE A 69 -4.37 -9.21 -18.66
N SER A 70 -3.56 -8.28 -18.14
CA SER A 70 -3.31 -7.09 -18.85
C SER A 70 -2.17 -7.32 -19.81
N SER A 71 -1.19 -8.07 -19.40
CA SER A 71 -0.08 -8.40 -20.30
C SER A 71 -0.59 -9.25 -21.52
N ILE A 72 -1.61 -10.05 -21.28
CA ILE A 72 -2.17 -10.87 -22.35
C ILE A 72 -2.98 -10.01 -23.31
N GLU A 73 -3.80 -9.09 -22.76
CA GLU A 73 -4.59 -8.22 -23.63
C GLU A 73 -3.66 -7.40 -24.53
N GLN A 74 -2.52 -6.98 -24.00
CA GLN A 74 -1.64 -6.20 -24.83
C GLN A 74 -0.96 -7.00 -25.95
N LYS A 75 -0.66 -8.27 -25.69
CA LYS A 75 -0.01 -9.13 -26.70
C LYS A 75 -1.02 -9.41 -27.78
N GLU A 76 -2.26 -9.63 -27.37
CA GLU A 76 -3.30 -9.96 -28.31
C GLU A 76 -3.82 -8.75 -29.11
N GLU A 77 -3.83 -7.56 -28.50
CA GLU A 77 -4.30 -6.39 -29.22
C GLU A 77 -3.22 -6.04 -30.27
N SER A 78 -1.97 -6.39 -29.92
CA SER A 78 -0.82 -6.20 -30.81
C SER A 78 -0.80 -7.13 -32.06
N ARG A 79 -1.58 -8.21 -32.06
CA ARG A 79 -1.64 -9.10 -33.20
C ARG A 79 -2.98 -8.82 -33.85
N GLY A 80 -3.59 -7.71 -33.46
CA GLY A 80 -4.87 -7.35 -34.02
C GLY A 80 -6.00 -8.38 -33.88
N ASN A 81 -5.90 -9.24 -32.87
CA ASN A 81 -6.94 -10.27 -32.65
C ASN A 81 -8.10 -9.70 -31.82
N GLU A 82 -9.02 -9.05 -32.50
CA GLU A 82 -10.15 -8.40 -31.86
C GLU A 82 -11.13 -9.22 -30.98
N GLU A 83 -11.44 -10.47 -31.34
CA GLU A 83 -12.39 -11.20 -30.50
C GLU A 83 -11.76 -11.57 -29.15
N HIS A 84 -10.47 -11.89 -29.15
CA HIS A 84 -9.83 -12.21 -27.88
C HIS A 84 -9.70 -10.96 -27.00
N VAL A 85 -9.55 -9.79 -27.64
CA VAL A 85 -9.41 -8.59 -26.90
C VAL A 85 -10.72 -8.28 -26.14
N ASN A 86 -11.86 -8.50 -26.74
CA ASN A 86 -13.06 -8.20 -26.01
C ASN A 86 -13.22 -9.13 -24.81
N SER A 87 -12.80 -10.37 -24.99
CA SER A 87 -12.93 -11.35 -23.93
C SER A 87 -11.99 -11.04 -22.75
N ILE A 88 -10.79 -10.61 -23.07
CA ILE A 88 -9.80 -10.27 -22.10
C ILE A 88 -10.24 -9.01 -21.35
N ARG A 89 -10.74 -7.98 -22.06
CA ARG A 89 -11.15 -6.74 -21.34
C ARG A 89 -12.32 -6.96 -20.45
N GLU A 90 -13.22 -7.80 -20.88
CA GLU A 90 -14.35 -8.08 -20.04
C GLU A 90 -13.86 -8.79 -18.76
N TYR A 91 -12.80 -9.61 -18.89
CA TYR A 91 -12.27 -10.31 -17.76
C TYR A 91 -11.58 -9.28 -16.85
N ARG A 92 -10.85 -8.37 -17.46
CA ARG A 92 -10.18 -7.36 -16.75
C ARG A 92 -11.15 -6.42 -15.97
N SER A 93 -12.32 -6.10 -16.55
CA SER A 93 -13.29 -5.25 -15.85
C SER A 93 -13.75 -5.92 -14.62
N LYS A 94 -13.94 -7.23 -14.69
CA LYS A 94 -14.43 -7.95 -13.53
C LYS A 94 -13.40 -7.75 -12.39
N ILE A 95 -12.13 -7.94 -12.69
CA ILE A 95 -11.04 -7.78 -11.74
C ILE A 95 -10.92 -6.31 -11.22
N GLU A 96 -11.00 -5.32 -12.10
CA GLU A 96 -10.93 -3.91 -11.68
C GLU A 96 -12.05 -3.59 -10.69
N ASN A 97 -13.20 -4.25 -10.89
CA ASN A 97 -14.32 -4.09 -10.00
C ASN A 97 -14.03 -4.57 -8.60
N GLU A 98 -13.50 -5.79 -8.46
CA GLU A 98 -13.08 -6.25 -7.14
C GLU A 98 -11.97 -5.29 -6.55
N LEU A 99 -11.06 -4.76 -7.40
CA LEU A 99 -9.96 -3.88 -6.89
C LEU A 99 -10.57 -2.58 -6.33
N SER A 100 -11.59 -2.02 -6.99
CA SER A 100 -12.25 -0.81 -6.50
C SER A 100 -12.95 -1.09 -5.19
N LYS A 101 -13.64 -2.20 -5.10
CA LYS A 101 -14.34 -2.49 -3.86
C LYS A 101 -13.39 -2.72 -2.66
N ILE A 102 -12.30 -3.43 -2.88
CA ILE A 102 -11.35 -3.72 -1.82
C ILE A 102 -10.74 -2.41 -1.30
N CYS A 103 -10.32 -1.56 -2.20
CA CYS A 103 -9.73 -0.29 -1.84
C CYS A 103 -10.75 0.56 -1.08
N ASP A 104 -11.98 0.61 -1.61
CA ASP A 104 -13.05 1.40 -0.99
C ASP A 104 -13.28 0.97 0.45
N GLY A 105 -13.21 -0.32 0.70
CA GLY A 105 -13.40 -0.79 2.05
C GLY A 105 -12.27 -0.36 3.01
N ILE A 106 -11.01 -0.38 2.60
CA ILE A 106 -10.00 0.00 3.59
C ILE A 106 -9.92 1.57 3.65
N LEU A 107 -10.13 2.27 2.54
CA LEU A 107 -10.12 3.71 2.55
C LEU A 107 -11.25 4.30 3.45
N LYS A 108 -12.42 3.66 3.47
CA LYS A 108 -13.49 4.17 4.31
C LYS A 108 -13.16 3.95 5.77
N LEU A 109 -12.64 2.76 6.06
CA LEU A 109 -12.26 2.43 7.42
C LEU A 109 -11.13 3.40 7.96
N LEU A 110 -10.17 3.75 7.12
CA LEU A 110 -9.07 4.65 7.49
C LEU A 110 -9.68 6.04 7.88
N ASP A 111 -10.57 6.59 7.02
CA ASP A 111 -11.15 7.93 7.31
C ASP A 111 -12.09 7.99 8.49
N ALA A 112 -12.86 6.94 8.68
CA ALA A 112 -13.83 6.86 9.72
C ALA A 112 -13.35 6.45 11.10
N LYS A 113 -12.47 5.45 11.15
CA LYS A 113 -11.97 4.97 12.44
C LYS A 113 -10.48 5.09 12.68
N LEU A 114 -9.65 4.57 11.78
CA LEU A 114 -8.25 4.50 12.06
C LEU A 114 -7.48 5.80 12.21
N ILE A 115 -7.56 6.63 11.20
CA ILE A 115 -6.87 7.86 11.23
C ILE A 115 -7.37 8.70 12.40
N PRO A 116 -8.69 8.85 12.63
CA PRO A 116 -9.09 9.68 13.78
C PRO A 116 -8.57 9.10 15.10
N SER A 117 -8.31 7.81 15.16
CA SER A 117 -7.84 7.20 16.41
C SER A 117 -6.31 7.28 16.59
N ALA A 118 -5.59 7.67 15.55
CA ALA A 118 -4.11 7.66 15.64
C ALA A 118 -3.56 8.68 16.64
N ALA A 119 -2.99 8.18 17.75
CA ALA A 119 -2.47 9.10 18.77
C ALA A 119 -0.95 9.27 18.82
N SER A 120 -0.20 8.68 17.91
CA SER A 120 1.23 8.89 18.02
C SER A 120 1.76 8.99 16.60
N GLY A 121 3.00 9.48 16.46
CA GLY A 121 3.66 9.62 15.15
C GLY A 121 3.77 8.23 14.49
N ASP A 122 4.00 7.16 15.24
CA ASP A 122 4.12 5.85 14.57
C ASP A 122 2.78 5.50 13.81
N SER A 123 1.66 5.54 14.54
CA SER A 123 0.38 5.17 13.94
C SER A 123 -0.16 6.10 12.85
N LYS A 124 0.03 7.40 13.02
CA LYS A 124 -0.35 8.39 12.02
C LYS A 124 0.32 8.17 10.69
N VAL A 125 1.62 8.00 10.67
CA VAL A 125 2.36 7.78 9.43
C VAL A 125 1.89 6.40 8.89
N PHE A 126 1.75 5.42 9.77
CA PHE A 126 1.30 4.11 9.31
C PHE A 126 -0.05 4.19 8.53
N TYR A 127 -1.06 4.82 9.12
CA TYR A 127 -2.36 4.89 8.45
C TYR A 127 -2.34 5.84 7.26
N LEU A 128 -1.57 6.93 7.33
CA LEU A 128 -1.55 7.84 6.20
C LEU A 128 -0.81 7.21 5.03
N LYS A 129 0.18 6.37 5.35
CA LYS A 129 0.94 5.75 4.24
C LYS A 129 -0.04 4.74 3.58
N MET A 130 -0.77 4.02 4.39
CA MET A 130 -1.75 3.08 3.91
C MET A 130 -2.78 3.76 2.98
N LYS A 131 -3.24 4.94 3.39
CA LYS A 131 -4.20 5.70 2.62
C LYS A 131 -3.56 6.02 1.32
N GLY A 132 -2.28 6.38 1.35
CA GLY A 132 -1.58 6.68 0.09
C GLY A 132 -1.49 5.45 -0.84
N ASP A 133 -1.23 4.29 -0.22
CA ASP A 133 -1.05 3.00 -0.94
C ASP A 133 -2.34 2.54 -1.70
N TYR A 134 -3.51 2.58 -1.04
CA TYR A 134 -4.74 2.17 -1.69
C TYR A 134 -5.22 3.14 -2.75
N HIS A 135 -4.98 4.45 -2.61
CA HIS A 135 -5.33 5.37 -3.70
C HIS A 135 -4.38 5.07 -4.86
N ARG A 136 -3.12 4.69 -4.55
CA ARG A 136 -2.13 4.37 -5.62
C ARG A 136 -2.58 3.08 -6.36
N TYR A 137 -3.12 2.09 -5.66
CA TYR A 137 -3.54 0.90 -6.39
C TYR A 137 -4.70 1.26 -7.33
N LEU A 138 -5.51 2.24 -6.93
CA LEU A 138 -6.62 2.65 -7.78
C LEU A 138 -5.99 3.24 -9.03
N ALA A 139 -4.98 4.10 -8.86
CA ALA A 139 -4.32 4.71 -10.02
C ALA A 139 -3.58 3.81 -11.07
N GLU A 140 -3.11 2.65 -10.62
CA GLU A 140 -2.41 1.71 -11.50
C GLU A 140 -3.34 1.24 -12.61
N PHE A 141 -4.66 1.23 -12.43
CA PHE A 141 -5.49 0.76 -13.55
C PHE A 141 -6.46 1.79 -14.12
N LYS A 142 -6.66 2.87 -13.39
CA LYS A 142 -7.60 3.86 -13.83
C LYS A 142 -7.04 4.66 -14.96
N THR A 143 -7.92 5.32 -15.70
CA THR A 143 -7.37 6.01 -16.82
C THR A 143 -7.56 7.49 -17.09
N GLY A 144 -8.69 8.07 -16.76
CA GLY A 144 -8.73 9.47 -17.19
C GLY A 144 -8.77 10.53 -16.15
N ALA A 145 -9.99 10.98 -15.95
CA ALA A 145 -10.28 11.97 -14.96
C ALA A 145 -10.17 11.16 -13.63
N GLU A 146 -10.45 9.87 -13.72
CA GLU A 146 -10.41 9.00 -12.56
C GLU A 146 -8.99 8.79 -12.07
N ARG A 147 -8.06 8.68 -13.01
CA ARG A 147 -6.65 8.50 -12.72
C ARG A 147 -6.11 9.75 -12.11
N LYS A 148 -6.49 10.88 -12.68
CA LYS A 148 -6.02 12.15 -12.15
C LYS A 148 -6.53 12.32 -10.72
N GLU A 149 -7.76 11.98 -10.42
CA GLU A 149 -8.06 12.20 -9.03
C GLU A 149 -7.45 11.16 -8.07
N ALA A 150 -7.26 9.93 -8.52
CA ALA A 150 -6.63 8.91 -7.65
C ALA A 150 -5.19 9.38 -7.42
N ALA A 151 -4.51 9.83 -8.46
CA ALA A 151 -3.15 10.31 -8.33
C ALA A 151 -3.08 11.49 -7.35
N GLU A 152 -4.06 12.41 -7.41
CA GLU A 152 -4.07 13.59 -6.49
C GLU A 152 -4.26 13.16 -5.02
N SER A 153 -5.19 12.25 -4.79
CA SER A 153 -5.45 11.76 -3.43
C SER A 153 -4.17 11.08 -2.94
N THR A 154 -3.50 10.32 -3.82
CA THR A 154 -2.26 9.65 -3.43
C THR A 154 -1.19 10.61 -2.92
N LEU A 155 -0.90 11.61 -3.76
CA LEU A 155 0.10 12.61 -3.47
C LEU A 155 -0.25 13.37 -2.17
N THR A 156 -1.52 13.66 -1.99
CA THR A 156 -1.89 14.35 -0.77
C THR A 156 -1.62 13.50 0.47
N ALA A 157 -2.02 12.24 0.44
CA ALA A 157 -1.80 11.36 1.60
C ALA A 157 -0.29 11.11 1.91
N TYR A 158 0.53 10.86 0.89
CA TYR A 158 1.92 10.60 1.14
C TYR A 158 2.61 11.82 1.76
N LYS A 159 2.31 12.99 1.21
CA LYS A 159 2.85 14.25 1.73
C LYS A 159 2.48 14.46 3.21
N ALA A 160 1.24 14.21 3.54
CA ALA A 160 0.84 14.35 4.94
C ALA A 160 1.62 13.35 5.81
N ALA A 161 1.83 12.15 5.27
CA ALA A 161 2.57 11.09 5.97
C ALA A 161 4.05 11.52 6.12
N GLN A 162 4.63 12.03 5.05
CA GLN A 162 5.99 12.42 5.10
C GLN A 162 6.29 13.60 6.07
N ASP A 163 5.37 14.55 6.17
CA ASP A 163 5.49 15.69 7.09
C ASP A 163 5.69 15.19 8.50
N ILE A 164 4.77 14.35 8.95
CA ILE A 164 4.87 13.76 10.26
C ILE A 164 6.16 12.91 10.43
N ALA A 165 6.38 11.96 9.54
CA ALA A 165 7.51 11.06 9.61
C ALA A 165 8.86 11.73 9.74
N THR A 166 9.05 12.72 8.89
CA THR A 166 10.27 13.48 8.78
C THR A 166 10.66 14.18 10.10
N THR A 167 9.64 14.65 10.79
CA THR A 167 9.85 15.38 12.01
C THR A 167 9.69 14.56 13.29
N GLU A 168 8.91 13.44 13.28
CA GLU A 168 8.74 12.70 14.50
C GLU A 168 9.39 11.32 14.58
N LEU A 169 9.80 10.75 13.45
CA LEU A 169 10.40 9.42 13.43
C LEU A 169 11.87 9.41 12.99
N ALA A 170 12.61 8.41 13.47
CA ALA A 170 14.05 8.27 13.10
C ALA A 170 14.19 7.88 11.60
N PRO A 171 15.24 8.31 10.92
CA PRO A 171 15.30 7.90 9.52
C PRO A 171 15.49 6.40 9.32
N THR A 172 15.79 5.68 10.39
CA THR A 172 15.96 4.24 10.22
C THR A 172 14.65 3.51 10.60
N HIS A 173 13.64 4.28 11.01
CA HIS A 173 12.34 3.69 11.39
C HIS A 173 11.75 2.97 10.11
N PRO A 174 11.43 1.68 10.22
CA PRO A 174 10.87 0.94 9.06
C PRO A 174 9.62 1.55 8.38
N ILE A 175 8.73 2.17 9.17
CA ILE A 175 7.52 2.84 8.65
C ILE A 175 7.97 4.09 7.86
N ARG A 176 8.89 4.86 8.38
CA ARG A 176 9.36 6.00 7.61
C ARG A 176 10.09 5.49 6.32
N LEU A 177 10.94 4.48 6.47
CA LEU A 177 11.67 3.96 5.34
C LEU A 177 10.66 3.34 4.30
N GLY A 178 9.63 2.64 4.77
CA GLY A 178 8.64 2.07 3.85
C GLY A 178 7.82 3.14 3.13
N LEU A 179 7.60 4.28 3.80
CA LEU A 179 6.87 5.37 3.22
C LEU A 179 7.72 5.94 2.09
N ALA A 180 9.01 6.18 2.36
CA ALA A 180 9.89 6.68 1.32
C ALA A 180 9.93 5.70 0.15
N LEU A 181 10.06 4.42 0.46
CA LEU A 181 10.08 3.43 -0.63
C LEU A 181 8.78 3.54 -1.52
N ASN A 182 7.60 3.56 -0.91
CA ASN A 182 6.37 3.58 -1.68
C ASN A 182 6.08 4.91 -2.35
N PHE A 183 6.47 6.01 -1.68
CA PHE A 183 6.25 7.35 -2.20
C PHE A 183 7.12 7.49 -3.45
N SER A 184 8.38 7.06 -3.40
CA SER A 184 9.18 7.15 -4.59
C SER A 184 8.71 6.20 -5.73
N VAL A 185 8.08 5.09 -5.37
CA VAL A 185 7.59 4.21 -6.43
C VAL A 185 6.43 4.94 -7.13
N PHE A 186 5.64 5.67 -6.36
CA PHE A 186 4.57 6.45 -6.90
C PHE A 186 5.07 7.46 -7.94
N TYR A 187 6.15 8.17 -7.64
CA TYR A 187 6.67 9.14 -8.60
C TYR A 187 7.09 8.43 -9.89
N TYR A 188 7.79 7.33 -9.73
CA TYR A 188 8.29 6.53 -10.84
C TYR A 188 7.23 5.89 -11.69
N GLU A 189 6.27 5.24 -11.05
CA GLU A 189 5.29 4.51 -11.81
C GLU A 189 3.95 5.09 -12.08
N ILE A 190 3.47 6.06 -11.30
CA ILE A 190 2.18 6.63 -11.62
C ILE A 190 2.40 7.97 -12.35
N LEU A 191 3.34 8.76 -11.83
CA LEU A 191 3.68 10.07 -12.33
C LEU A 191 4.77 10.06 -13.37
N ASN A 192 5.24 8.86 -13.70
CA ASN A 192 6.30 8.69 -14.71
C ASN A 192 7.38 9.81 -14.65
N SER A 193 7.87 10.10 -13.43
CA SER A 193 8.87 11.11 -13.17
C SER A 193 10.07 10.46 -12.46
N PRO A 194 10.91 9.74 -13.23
CA PRO A 194 12.09 9.04 -12.65
C PRO A 194 13.08 9.86 -11.82
N ASP A 195 13.12 11.16 -12.07
CA ASP A 195 14.02 12.01 -11.34
C ASP A 195 13.52 12.37 -9.98
N ARG A 196 12.23 12.69 -9.85
CA ARG A 196 11.78 12.97 -8.49
C ARG A 196 11.90 11.65 -7.73
N ALA A 197 11.65 10.53 -8.40
CA ALA A 197 11.71 9.20 -7.75
C ALA A 197 13.10 8.89 -7.16
N CYS A 198 14.12 9.03 -7.97
CA CYS A 198 15.48 8.77 -7.54
C CYS A 198 15.88 9.74 -6.45
N ASN A 199 15.47 10.98 -6.57
CA ASN A 199 15.88 11.92 -5.53
C ASN A 199 15.32 11.53 -4.18
N LEU A 200 14.01 11.28 -4.14
CA LEU A 200 13.40 10.95 -2.87
C LEU A 200 13.97 9.66 -2.31
N ALA A 201 14.13 8.64 -3.14
CA ALA A 201 14.65 7.36 -2.64
C ALA A 201 16.09 7.48 -2.09
N LYS A 202 16.92 8.23 -2.81
CA LYS A 202 18.31 8.38 -2.39
C LYS A 202 18.43 9.24 -1.09
N GLN A 203 17.62 10.28 -0.96
CA GLN A 203 17.69 11.08 0.24
C GLN A 203 17.36 10.26 1.48
N ALA A 204 16.33 9.42 1.38
CA ALA A 204 15.91 8.62 2.52
C ALA A 204 16.94 7.57 2.84
N PHE A 205 17.52 6.99 1.79
CA PHE A 205 18.52 5.95 2.02
C PHE A 205 19.74 6.57 2.75
N ASP A 206 20.21 7.69 2.20
CA ASP A 206 21.36 8.40 2.79
C ASP A 206 21.15 8.81 4.24
N GLU A 207 19.99 9.39 4.57
CA GLU A 207 19.70 9.76 5.95
C GLU A 207 19.76 8.56 6.91
N ALA A 208 19.29 7.41 6.43
CA ALA A 208 19.32 6.18 7.24
C ALA A 208 20.82 5.73 7.45
N ILE A 209 21.56 5.67 6.36
CA ILE A 209 22.98 5.35 6.37
C ILE A 209 23.65 6.31 7.38
N ALA A 210 23.42 7.63 7.23
CA ALA A 210 24.01 8.62 8.12
C ALA A 210 23.78 8.29 9.65
N GLU A 211 22.52 8.07 10.02
CA GLU A 211 22.12 7.70 11.38
C GLU A 211 22.75 6.40 11.84
N LEU A 212 22.75 5.36 11.00
CA LEU A 212 23.32 4.06 11.38
C LEU A 212 24.81 4.18 11.76
N ASP A 213 25.51 5.00 10.99
CA ASP A 213 26.92 5.26 11.14
C ASP A 213 27.26 6.12 12.39
N THR A 214 26.30 6.88 12.91
CA THR A 214 26.58 7.68 14.09
C THR A 214 25.80 7.23 15.33
N LEU A 215 24.47 7.07 15.21
CA LEU A 215 23.65 6.72 16.38
C LEU A 215 23.24 5.28 16.54
N GLY A 216 23.52 4.45 15.55
CA GLY A 216 23.09 3.05 15.60
C GLY A 216 21.60 2.93 15.18
N GLU A 217 21.09 1.77 15.02
N ASP A 222 15.13 -5.53 9.43
CA ASP A 222 13.87 -4.98 8.74
C ASP A 222 14.10 -3.57 8.16
N SER A 223 14.77 -2.71 8.93
CA SER A 223 15.13 -1.43 8.40
C SER A 223 16.22 -1.88 7.37
N THR A 224 16.88 -3.00 7.65
CA THR A 224 17.90 -3.52 6.72
C THR A 224 17.29 -4.00 5.43
N LEU A 225 16.23 -4.78 5.52
CA LEU A 225 15.56 -5.24 4.31
C LEU A 225 15.01 -4.05 3.45
N ILE A 226 14.39 -3.06 4.09
CA ILE A 226 13.80 -1.97 3.32
C ILE A 226 14.86 -1.15 2.58
N MET A 227 15.99 -0.94 3.25
CA MET A 227 17.08 -0.23 2.65
C MET A 227 17.59 -1.01 1.48
N GLN A 228 17.65 -2.34 1.56
CA GLN A 228 18.10 -3.13 0.38
C GLN A 228 17.11 -2.89 -0.78
N LEU A 229 15.83 -2.75 -0.43
CA LEU A 229 14.79 -2.50 -1.41
C LEU A 229 14.95 -1.12 -2.03
N LEU A 230 15.33 -0.08 -1.26
CA LEU A 230 15.51 1.24 -1.89
C LEU A 230 16.63 1.14 -2.88
N ARG A 231 17.72 0.50 -2.49
CA ARG A 231 18.87 0.29 -3.33
C ARG A 231 18.43 -0.50 -4.58
N ASP A 232 17.76 -1.64 -4.42
CA ASP A 232 17.30 -2.43 -5.60
C ASP A 232 16.48 -1.59 -6.58
N ASN A 233 15.60 -0.72 -6.06
CA ASN A 233 14.81 0.13 -6.93
C ASN A 233 15.73 1.17 -7.57
N LEU A 234 16.59 1.78 -6.76
CA LEU A 234 17.48 2.79 -7.33
C LEU A 234 18.31 2.25 -8.49
N THR A 235 18.88 1.04 -8.37
CA THR A 235 19.70 0.56 -9.48
C THR A 235 18.80 0.16 -10.65
N LEU A 236 17.67 -0.44 -10.33
CA LEU A 236 16.72 -0.85 -11.35
C LEU A 236 16.36 0.40 -12.20
N TRP A 237 16.13 1.54 -11.56
CA TRP A 237 15.75 2.77 -12.26
C TRP A 237 16.87 3.45 -13.06
N THR A 238 18.12 3.30 -12.62
CA THR A 238 19.29 3.87 -13.33
C THR A 238 19.69 2.86 -14.41
N SER A 239 18.69 2.28 -15.03
CA SER A 239 18.84 1.29 -16.08
C SER A 239 17.48 1.26 -16.84
N ASP A 240 17.15 0.21 -17.43
N GLN B 1 7.06 -2.65 -12.52
CA GLN B 1 6.91 -3.00 -11.06
C GLN B 1 8.23 -2.87 -10.29
N SER B 2 8.13 -2.17 -9.17
CA SER B 2 9.21 -1.89 -8.28
C SER B 2 8.81 -2.47 -6.94
N TYR B 3 9.76 -2.58 -6.02
CA TYR B 3 9.43 -3.12 -4.72
C TYR B 3 8.74 -2.08 -3.88
N VAL B 5 6.46 -2.01 0.16
CA VAL B 5 6.15 -2.79 1.36
C VAL B 5 4.91 -2.25 2.04
#